data_6EN0
#
_entry.id   6EN0
#
_cell.length_a   77.660
_cell.length_b   124.320
_cell.length_c   77.400
_cell.angle_alpha   90.00
_cell.angle_beta   117.69
_cell.angle_gamma   90.00
#
_symmetry.space_group_name_H-M   'P 1 21 1'
#
loop_
_entity.id
_entity.type
_entity.pdbx_description
1 polymer 'Int protein'
2 polymer 'DNA (44-MER)'
3 polymer 'DNA (44-MER)'
4 water water
#
loop_
_entity_poly.entity_id
_entity_poly.type
_entity_poly.pdbx_seq_one_letter_code
_entity_poly.pdbx_strand_id
1 'polypeptide(L)'
;SMTVCQLYAKQIRHRGNVKHNTKLGRERLMRILEQDRLGSCPIDSVKLSDAKEWALRMKEKGLSYKTINNDKRSLKAAFY
TAIQDDCIRKNPFDFQLSDVLDDDTEPKVPLTPAQEESFLSFIQGDKVYQKHYDAIVILLGTGLRISELCGLTDKDLDFE
NRVIIVSHQLLRNTGVGYYIDEPKTQSGVRKIPMNEEVYQAFQRVIKNRKGAKPFIIDGYANFLFLKQNGYPMTAVDYGG
MFGRLVKKYNKSHEEALPKTTTPHAMRHTFCTRLANAGMNPKALQYIMGHSNITMTLNYYAHATFDSARAEMERLAA
;
A,B
2 'polydeoxyribonucleotide'
;(DT)(DG)(DC)(DG)(DA)(DT)(DA)(DA)(DC)(DC)(DT)(DA)(DA)(DA)(DA)(DT)(DT)(DT)(DT)(DA)
(DT)(DA)(DG)(DC)(DA)(DA)(DA)(DA)(DT)(DT)(DA)(DT)(DA)(DT)(DG)(DG)(DG)(DA)(DT)(DT)
(DT)(DT)(DA)(DG)
;
C
3 'polydeoxyribonucleotide'
;(DC)(DT)(DA)(DA)(DA)(DA)(DT)(DC)(DC)(DC)(DA)(DT)(DA)(DT)(DA)(DA)(DT)(DT)(DT)(DT)
(DG)(DC)(DT)(DA)(DT)(DA)(DA)(DA)(DA)(DT)(DT)(DT)(DT)(DA)(DG)(DG)(DT)(DT)(DA)(DT)
(DC)(DG)(DC)(DT)
;
E
#
# COMPACT_ATOMS: atom_id res chain seq x y z
N SER A 1 -7.21 18.70 -38.62
CA SER A 1 -6.72 18.38 -37.28
C SER A 1 -5.35 17.71 -37.36
N MET A 2 -4.88 17.18 -36.23
CA MET A 2 -3.58 16.48 -36.21
C MET A 2 -3.74 15.01 -35.87
N THR A 3 -2.79 14.20 -36.32
CA THR A 3 -2.85 12.74 -36.13
C THR A 3 -2.40 12.32 -34.74
N VAL A 4 -2.39 11.02 -34.48
CA VAL A 4 -1.96 10.49 -33.19
C VAL A 4 -0.44 10.61 -33.04
N CYS A 5 0.27 10.34 -34.14
CA CYS A 5 1.73 10.50 -34.18
C CYS A 5 2.15 11.91 -33.80
N GLN A 6 1.43 12.89 -34.31
CA GLN A 6 1.73 14.29 -34.05
C GLN A 6 1.30 14.70 -32.64
N LEU A 7 0.36 13.95 -32.08
CA LEU A 7 -0.09 14.21 -30.72
C LEU A 7 0.84 13.58 -29.69
N TYR A 8 1.36 12.40 -29.99
CA TYR A 8 2.31 11.75 -29.11
C TYR A 8 3.65 12.45 -29.20
N ALA A 9 3.95 13.02 -30.36
CA ALA A 9 5.17 13.78 -30.56
C ALA A 9 5.11 15.11 -29.80
N LYS A 10 3.95 15.76 -29.85
CA LYS A 10 3.75 17.01 -29.14
C LYS A 10 3.79 16.80 -27.64
N GLN A 11 3.38 15.61 -27.21
CA GLN A 11 3.37 15.27 -25.78
C GLN A 11 4.77 14.92 -25.32
N ILE A 12 5.66 14.68 -26.28
CA ILE A 12 7.04 14.35 -25.98
C ILE A 12 7.86 15.60 -25.63
N ARG A 13 7.62 16.68 -26.36
CA ARG A 13 8.31 17.94 -26.11
C ARG A 13 7.82 18.60 -24.83
N HIS A 14 6.50 18.50 -24.58
CA HIS A 14 5.88 19.04 -23.38
C HIS A 14 6.48 18.45 -22.11
N ARG A 15 6.94 17.22 -22.21
CA ARG A 15 7.53 16.52 -21.09
C ARG A 15 8.90 16.00 -21.49
N GLY A 16 9.89 16.89 -21.47
CA GLY A 16 11.22 16.58 -21.97
C GLY A 16 12.21 15.99 -20.99
N ASN A 17 12.23 16.52 -19.77
CA ASN A 17 13.21 16.12 -18.76
C ASN A 17 13.18 14.62 -18.45
N VAL A 18 13.59 13.82 -19.43
CA VAL A 18 13.58 12.37 -19.29
C VAL A 18 14.97 11.78 -19.49
N LYS A 19 15.26 10.70 -18.79
CA LYS A 19 16.55 10.03 -18.91
C LYS A 19 16.67 9.24 -20.20
N HIS A 20 17.86 8.75 -20.51
CA HIS A 20 18.12 8.14 -21.81
C HIS A 20 17.25 6.93 -22.10
N ASN A 21 17.08 6.07 -21.10
CA ASN A 21 16.26 4.86 -21.25
C ASN A 21 14.82 5.19 -21.63
N THR A 22 14.32 6.30 -21.10
CA THR A 22 12.97 6.75 -21.43
C THR A 22 12.86 7.05 -22.91
N LYS A 23 13.75 7.92 -23.40
CA LYS A 23 13.81 8.29 -24.82
C LYS A 23 13.80 7.05 -25.71
N LEU A 24 14.54 6.03 -25.31
CA LEU A 24 14.59 4.78 -26.04
C LEU A 24 13.24 4.07 -25.95
N GLY A 25 12.65 4.10 -24.76
CA GLY A 25 11.35 3.48 -24.53
C GLY A 25 10.25 4.20 -25.25
N ARG A 26 10.39 5.52 -25.39
CA ARG A 26 9.40 6.33 -26.08
C ARG A 26 9.51 6.17 -27.59
N GLU A 27 10.75 5.96 -28.06
CA GLU A 27 10.99 5.85 -29.49
C GLU A 27 10.41 4.55 -30.07
N ARG A 28 10.41 3.50 -29.26
CA ARG A 28 9.85 2.22 -29.67
C ARG A 28 8.36 2.33 -29.97
N LEU A 29 7.66 3.04 -29.09
CA LEU A 29 6.23 3.26 -29.26
C LEU A 29 5.96 4.12 -30.50
N MET A 30 6.81 5.12 -30.71
CA MET A 30 6.65 6.03 -31.85
C MET A 30 6.88 5.28 -33.16
N ARG A 31 7.68 4.22 -33.09
CA ARG A 31 7.87 3.35 -34.24
C ARG A 31 6.61 2.50 -34.46
N ILE A 32 6.01 2.06 -33.36
CA ILE A 32 4.79 1.27 -33.42
C ILE A 32 3.64 2.09 -34.02
N LEU A 33 3.48 3.32 -33.56
CA LEU A 33 2.42 4.21 -34.05
C LEU A 33 2.54 4.48 -35.54
N GLU A 34 3.76 4.79 -35.98
CA GLU A 34 4.04 5.01 -37.39
C GLU A 34 3.79 3.73 -38.17
N GLN A 35 4.06 2.59 -37.54
CA GLN A 35 3.87 1.30 -38.19
C GLN A 35 2.39 0.93 -38.22
N ASP A 36 1.69 1.22 -37.12
CA ASP A 36 0.27 0.89 -37.00
C ASP A 36 -0.62 1.88 -37.76
N ARG A 37 -1.83 1.44 -38.10
CA ARG A 37 -2.78 2.29 -38.81
C ARG A 37 -3.36 3.35 -37.87
N LEU A 38 -3.22 3.13 -36.57
CA LEU A 38 -3.75 4.05 -35.57
C LEU A 38 -3.06 5.40 -35.62
N GLY A 39 -1.75 5.38 -35.85
CA GLY A 39 -0.94 6.58 -35.83
C GLY A 39 -1.30 7.63 -36.87
N SER A 40 -2.07 7.23 -37.88
CA SER A 40 -2.44 8.15 -38.95
C SER A 40 -3.86 8.69 -38.79
N CYS A 41 -4.56 8.20 -37.77
CA CYS A 41 -5.94 8.62 -37.51
C CYS A 41 -5.97 9.94 -36.75
N PRO A 42 -6.73 10.92 -37.28
CA PRO A 42 -6.89 12.22 -36.62
C PRO A 42 -7.38 12.07 -35.17
N ILE A 43 -6.84 12.89 -34.28
CA ILE A 43 -7.09 12.77 -32.85
C ILE A 43 -8.59 12.76 -32.51
N ASP A 44 -9.35 13.62 -33.18
CA ASP A 44 -10.78 13.73 -32.90
C ASP A 44 -11.55 12.48 -33.30
N SER A 45 -11.14 11.85 -34.41
CA SER A 45 -11.86 10.70 -34.93
C SER A 45 -11.41 9.38 -34.30
N VAL A 46 -10.87 9.45 -33.09
CA VAL A 46 -10.47 8.23 -32.38
C VAL A 46 -11.52 7.84 -31.36
N LYS A 47 -12.18 6.71 -31.59
CA LYS A 47 -13.21 6.23 -30.69
C LYS A 47 -12.69 5.09 -29.81
N LEU A 48 -13.47 4.76 -28.79
CA LEU A 48 -13.10 3.67 -27.87
C LEU A 48 -12.97 2.35 -28.62
N SER A 49 -13.69 2.24 -29.74
CA SER A 49 -13.55 1.08 -30.60
C SER A 49 -12.15 1.02 -31.19
N ASP A 50 -11.69 2.15 -31.71
CA ASP A 50 -10.38 2.23 -32.34
C ASP A 50 -9.25 2.01 -31.35
N ALA A 51 -9.47 2.42 -30.10
CA ALA A 51 -8.47 2.25 -29.05
C ALA A 51 -8.36 0.80 -28.61
N LYS A 52 -9.49 0.13 -28.48
CA LYS A 52 -9.52 -1.27 -28.07
C LYS A 52 -8.97 -2.16 -29.19
N GLU A 53 -9.31 -1.82 -30.43
CA GLU A 53 -8.84 -2.58 -31.58
C GLU A 53 -7.32 -2.55 -31.72
N TRP A 54 -6.71 -1.43 -31.34
CA TRP A 54 -5.26 -1.29 -31.40
C TRP A 54 -4.57 -2.27 -30.45
N ALA A 55 -5.14 -2.42 -29.27
CA ALA A 55 -4.59 -3.34 -28.28
C ALA A 55 -4.61 -4.78 -28.79
N LEU A 56 -5.58 -5.09 -29.64
CA LEU A 56 -5.67 -6.41 -30.24
C LEU A 56 -4.55 -6.63 -31.26
N ARG A 57 -4.23 -5.60 -32.04
CA ARG A 57 -3.19 -5.69 -33.04
C ARG A 57 -1.83 -5.89 -32.39
N MET A 58 -1.63 -5.22 -31.26
CA MET A 58 -0.38 -5.33 -30.52
C MET A 58 -0.12 -6.77 -30.08
N LYS A 59 -1.15 -7.43 -29.57
CA LYS A 59 -1.02 -8.81 -29.15
C LYS A 59 -0.85 -9.72 -30.36
N GLU A 60 -1.59 -9.41 -31.43
CA GLU A 60 -1.50 -10.18 -32.66
C GLU A 60 -0.12 -10.01 -33.28
N LYS A 61 0.46 -8.83 -33.11
CA LYS A 61 1.80 -8.56 -33.63
C LYS A 61 2.84 -9.36 -32.85
N GLY A 62 2.51 -9.69 -31.61
CA GLY A 62 3.34 -10.55 -30.79
C GLY A 62 3.72 -9.96 -29.45
N LEU A 63 3.37 -8.70 -29.24
CA LEU A 63 3.74 -7.99 -28.03
C LEU A 63 3.12 -8.63 -26.79
N SER A 64 3.83 -8.56 -25.67
CA SER A 64 3.34 -9.16 -24.43
C SER A 64 2.25 -8.28 -23.84
N TYR A 65 1.55 -8.82 -22.84
CA TYR A 65 0.44 -8.12 -22.21
C TYR A 65 0.90 -6.83 -21.53
N LYS A 66 1.91 -6.93 -20.69
CA LYS A 66 2.38 -5.77 -19.92
C LYS A 66 2.98 -4.69 -20.81
N THR A 67 3.42 -5.08 -22.00
CA THR A 67 3.93 -4.12 -22.96
C THR A 67 2.80 -3.23 -23.48
N ILE A 68 1.68 -3.85 -23.84
CA ILE A 68 0.54 -3.12 -24.40
C ILE A 68 -0.16 -2.27 -23.34
N ASN A 69 -0.09 -2.71 -22.09
CA ASN A 69 -0.75 -2.02 -20.98
C ASN A 69 0.02 -0.76 -20.55
N ASN A 70 1.32 -0.73 -20.85
CA ASN A 70 2.13 0.44 -20.56
C ASN A 70 2.02 1.47 -21.67
N ASP A 71 1.98 1.00 -22.90
CA ASP A 71 1.76 1.87 -24.05
C ASP A 71 0.39 2.50 -23.99
N LYS A 72 -0.55 1.80 -23.35
CA LYS A 72 -1.90 2.33 -23.15
C LYS A 72 -1.83 3.58 -22.27
N ARG A 73 -0.96 3.52 -21.26
CA ARG A 73 -0.79 4.62 -20.32
C ARG A 73 -0.05 5.79 -20.98
N SER A 74 0.89 5.47 -21.86
CA SER A 74 1.66 6.49 -22.57
C SER A 74 0.79 7.25 -23.56
N LEU A 75 -0.24 6.57 -24.09
CA LEU A 75 -1.14 7.18 -25.05
C LEU A 75 -2.33 7.85 -24.35
N LYS A 76 -2.72 7.30 -23.20
CA LYS A 76 -3.80 7.88 -22.42
C LYS A 76 -3.41 9.26 -21.92
N ALA A 77 -2.16 9.41 -21.49
CA ALA A 77 -1.67 10.67 -20.99
C ALA A 77 -1.55 11.70 -22.13
N ALA A 78 -1.43 11.20 -23.35
CA ALA A 78 -1.35 12.06 -24.52
C ALA A 78 -2.70 12.66 -24.85
N PHE A 79 -3.73 11.82 -24.90
CA PHE A 79 -5.10 12.27 -25.13
C PHE A 79 -5.60 13.08 -23.94
N TYR A 80 -5.09 12.78 -22.76
CA TYR A 80 -5.45 13.52 -21.56
C TYR A 80 -4.96 14.96 -21.69
N THR A 81 -3.73 15.13 -22.20
CA THR A 81 -3.20 16.45 -22.47
C THR A 81 -3.99 17.10 -23.59
N ALA A 82 -4.34 16.30 -24.60
CA ALA A 82 -5.14 16.78 -25.72
C ALA A 82 -6.55 17.15 -25.26
N ILE A 83 -7.01 16.53 -24.18
CA ILE A 83 -8.31 16.84 -23.62
C ILE A 83 -8.23 18.08 -22.72
N GLN A 84 -7.06 18.27 -22.11
CA GLN A 84 -6.85 19.42 -21.24
C GLN A 84 -6.77 20.73 -22.02
N ASP A 85 -6.24 20.65 -23.23
CA ASP A 85 -6.16 21.82 -24.11
C ASP A 85 -7.45 21.97 -24.92
N ASP A 86 -8.47 21.22 -24.52
CA ASP A 86 -9.79 21.27 -25.13
C ASP A 86 -9.78 20.99 -26.62
N CYS A 87 -8.81 20.20 -27.07
CA CYS A 87 -8.74 19.80 -28.48
C CYS A 87 -9.88 18.84 -28.79
N ILE A 88 -10.11 17.91 -27.87
CA ILE A 88 -11.17 16.92 -28.04
C ILE A 88 -12.00 16.73 -26.75
N ARG A 89 -13.11 16.02 -26.87
CA ARG A 89 -14.03 15.84 -25.76
C ARG A 89 -13.61 14.74 -24.79
N LYS A 90 -13.65 13.50 -25.26
CA LYS A 90 -13.40 12.36 -24.37
C LYS A 90 -12.10 11.63 -24.71
N ASN A 91 -11.54 10.96 -23.70
CA ASN A 91 -10.30 10.20 -23.84
C ASN A 91 -10.60 8.74 -24.16
N PRO A 92 -10.23 8.30 -25.37
CA PRO A 92 -10.52 6.96 -25.90
C PRO A 92 -9.78 5.82 -25.19
N PHE A 93 -8.74 6.13 -24.44
CA PHE A 93 -7.93 5.09 -23.81
C PHE A 93 -8.31 4.82 -22.36
N ASP A 94 -9.48 5.27 -21.96
CA ASP A 94 -9.94 5.08 -20.58
C ASP A 94 -10.73 3.78 -20.45
N PHE A 95 -10.03 2.66 -20.46
CA PHE A 95 -10.66 1.35 -20.29
C PHE A 95 -9.67 0.34 -19.71
N GLN A 96 -10.20 -0.80 -19.25
CA GLN A 96 -9.37 -1.85 -18.68
C GLN A 96 -8.87 -2.79 -19.77
N LEU A 97 -7.57 -3.06 -19.76
CA LEU A 97 -6.97 -3.96 -20.73
C LEU A 97 -7.40 -5.40 -20.45
N SER A 98 -7.84 -5.66 -19.24
CA SER A 98 -8.25 -7.00 -18.83
C SER A 98 -9.53 -7.45 -19.52
N ASP A 99 -10.35 -6.49 -19.95
CA ASP A 99 -11.61 -6.80 -20.61
C ASP A 99 -11.41 -7.18 -22.09
N VAL A 100 -10.49 -6.50 -22.75
CA VAL A 100 -10.22 -6.73 -24.16
C VAL A 100 -9.23 -7.89 -24.34
N LEU A 101 -8.31 -8.04 -23.38
CA LEU A 101 -7.23 -9.00 -23.53
C LEU A 101 -7.00 -9.84 -22.28
N ASP A 102 -6.31 -10.98 -22.46
CA ASP A 102 -5.97 -11.86 -21.34
C ASP A 102 -4.55 -11.59 -20.85
N ASP A 103 -4.36 -11.70 -19.53
CA ASP A 103 -3.06 -11.48 -18.93
C ASP A 103 -2.26 -12.77 -18.87
N ASP A 104 -1.63 -13.12 -19.99
CA ASP A 104 -0.82 -14.34 -20.07
C ASP A 104 0.66 -14.05 -19.78
N THR A 105 0.92 -13.48 -18.62
CA THR A 105 2.29 -13.15 -18.21
C THR A 105 2.88 -14.28 -17.37
N GLU A 106 4.10 -14.68 -17.73
CA GLU A 106 4.82 -15.73 -17.02
C GLU A 106 5.04 -15.34 -15.56
N PRO A 107 4.57 -16.19 -14.63
CA PRO A 107 4.79 -15.95 -13.20
C PRO A 107 6.27 -15.95 -12.82
N LYS A 108 6.71 -14.90 -12.16
CA LYS A 108 8.10 -14.78 -11.72
C LYS A 108 8.35 -15.62 -10.47
N VAL A 109 8.83 -16.85 -10.66
CA VAL A 109 9.05 -17.74 -9.52
C VAL A 109 10.47 -17.61 -8.96
N PRO A 110 10.59 -17.28 -7.67
CA PRO A 110 11.88 -17.17 -7.00
C PRO A 110 12.51 -18.54 -6.74
N LEU A 111 13.79 -18.55 -6.37
CA LEU A 111 14.48 -19.79 -6.11
C LEU A 111 14.18 -20.34 -4.71
N THR A 112 13.81 -21.62 -4.64
CA THR A 112 13.61 -22.27 -3.36
C THR A 112 14.96 -22.46 -2.67
N PRO A 113 14.97 -22.51 -1.34
CA PRO A 113 16.21 -22.73 -0.59
C PRO A 113 16.97 -23.98 -1.06
N ALA A 114 16.23 -24.99 -1.51
CA ALA A 114 16.84 -26.20 -2.05
C ALA A 114 17.54 -25.92 -3.37
N GLN A 115 16.88 -25.14 -4.21
CA GLN A 115 17.44 -24.76 -5.51
C GLN A 115 18.61 -23.79 -5.35
N GLU A 116 18.51 -22.92 -4.35
CA GLU A 116 19.53 -21.90 -4.10
C GLU A 116 20.89 -22.52 -3.78
N GLU A 117 20.93 -23.35 -2.74
CA GLU A 117 22.18 -23.95 -2.30
C GLU A 117 22.64 -25.09 -3.21
N SER A 118 21.91 -25.30 -4.30
CA SER A 118 22.30 -26.25 -5.34
C SER A 118 22.79 -25.49 -6.56
N PHE A 119 22.30 -24.27 -6.72
CA PHE A 119 22.72 -23.40 -7.82
C PHE A 119 24.07 -22.75 -7.50
N LEU A 120 24.28 -22.43 -6.23
CA LEU A 120 25.54 -21.84 -5.79
C LEU A 120 26.67 -22.87 -5.87
N SER A 121 26.38 -24.09 -5.48
CA SER A 121 27.36 -25.17 -5.49
C SER A 121 27.84 -25.47 -6.90
N PHE A 122 27.01 -25.18 -7.89
CA PHE A 122 27.36 -25.39 -9.28
C PHE A 122 28.34 -24.33 -9.76
N ILE A 123 28.13 -23.10 -9.33
CA ILE A 123 29.01 -21.99 -9.71
C ILE A 123 30.41 -22.20 -9.12
N GLN A 124 30.46 -22.64 -7.87
CA GLN A 124 31.74 -22.80 -7.17
C GLN A 124 32.60 -23.90 -7.80
N GLY A 125 31.99 -24.77 -8.59
CA GLY A 125 32.71 -25.87 -9.20
C GLY A 125 32.97 -25.72 -10.68
N ASP A 126 32.06 -25.04 -11.38
CA ASP A 126 32.19 -24.87 -12.82
C ASP A 126 33.30 -23.89 -13.15
N LYS A 127 34.31 -24.38 -13.88
CA LYS A 127 35.51 -23.58 -14.17
C LYS A 127 35.18 -22.28 -14.90
N VAL A 128 34.18 -22.33 -15.77
CA VAL A 128 33.83 -21.18 -16.60
C VAL A 128 33.17 -20.05 -15.81
N TYR A 129 32.43 -20.40 -14.76
CA TYR A 129 31.59 -19.42 -14.08
C TYR A 129 31.87 -19.25 -12.57
N GLN A 130 32.99 -19.78 -12.10
CA GLN A 130 33.31 -19.64 -10.69
C GLN A 130 33.84 -18.24 -10.38
N LYS A 131 34.15 -17.50 -11.43
CA LYS A 131 34.58 -16.11 -11.30
C LYS A 131 33.42 -15.24 -10.83
N HIS A 132 32.21 -15.68 -11.14
CA HIS A 132 31.00 -14.92 -10.82
C HIS A 132 30.35 -15.40 -9.53
N TYR A 133 30.93 -16.42 -8.92
CA TYR A 133 30.39 -17.01 -7.71
C TYR A 133 30.25 -15.97 -6.60
N ASP A 134 31.31 -15.22 -6.38
CA ASP A 134 31.34 -14.21 -5.34
C ASP A 134 30.26 -13.14 -5.57
N ALA A 135 30.02 -12.84 -6.84
CA ALA A 135 29.04 -11.82 -7.22
C ALA A 135 27.61 -12.27 -6.93
N ILE A 136 27.32 -13.54 -7.20
CA ILE A 136 25.99 -14.10 -7.00
C ILE A 136 25.63 -14.16 -5.52
N VAL A 137 26.57 -14.59 -4.70
CA VAL A 137 26.36 -14.67 -3.25
C VAL A 137 25.98 -13.31 -2.68
N ILE A 138 26.50 -12.26 -3.30
CA ILE A 138 26.16 -10.89 -2.91
C ILE A 138 24.73 -10.53 -3.32
N LEU A 139 24.38 -10.80 -4.57
CA LEU A 139 23.04 -10.51 -5.09
C LEU A 139 21.96 -11.22 -4.29
N LEU A 140 22.27 -12.43 -3.83
CA LEU A 140 21.32 -13.22 -3.05
C LEU A 140 21.30 -12.81 -1.59
N GLY A 141 22.43 -12.31 -1.10
CA GLY A 141 22.55 -11.96 0.31
C GLY A 141 22.29 -10.50 0.58
N THR A 142 22.11 -9.71 -0.48
CA THR A 142 21.90 -8.28 -0.34
C THR A 142 20.61 -7.83 -1.03
N GLY A 143 20.24 -8.54 -2.09
CA GLY A 143 19.06 -8.20 -2.85
C GLY A 143 19.21 -6.86 -3.55
N LEU A 144 20.22 -6.77 -4.41
CA LEU A 144 20.52 -5.54 -5.12
C LEU A 144 20.00 -5.59 -6.55
N ARG A 145 19.71 -4.42 -7.11
CA ARG A 145 19.39 -4.31 -8.53
C ARG A 145 20.70 -4.50 -9.30
N ILE A 146 20.59 -4.97 -10.54
CA ILE A 146 21.79 -5.44 -11.24
C ILE A 146 22.74 -4.31 -11.64
N SER A 147 22.21 -3.13 -11.93
CA SER A 147 23.06 -1.99 -12.27
C SER A 147 23.64 -1.34 -11.01
N GLU A 148 22.95 -1.55 -9.89
CA GLU A 148 23.41 -1.02 -8.62
C GLU A 148 24.56 -1.87 -8.08
N LEU A 149 24.63 -3.12 -8.51
CA LEU A 149 25.76 -3.97 -8.17
C LEU A 149 26.97 -3.54 -8.99
N CYS A 150 26.72 -3.22 -10.26
CA CYS A 150 27.78 -2.77 -11.16
C CYS A 150 28.40 -1.47 -10.68
N GLY A 151 27.60 -0.66 -9.99
CA GLY A 151 28.04 0.64 -9.54
C GLY A 151 28.92 0.61 -8.32
N LEU A 152 28.82 -0.45 -7.52
CA LEU A 152 29.55 -0.54 -6.26
C LEU A 152 31.07 -0.44 -6.45
N THR A 153 31.69 0.46 -5.70
CA THR A 153 33.13 0.69 -5.75
C THR A 153 33.80 0.38 -4.42
N ASP A 154 35.12 0.57 -4.37
CA ASP A 154 35.88 0.34 -3.16
C ASP A 154 35.49 1.33 -2.07
N LYS A 155 35.14 2.54 -2.49
CA LYS A 155 34.78 3.61 -1.55
C LYS A 155 33.40 3.38 -0.94
N ASP A 156 32.51 2.74 -1.69
CA ASP A 156 31.14 2.50 -1.23
C ASP A 156 31.07 1.53 -0.05
N LEU A 157 32.06 0.66 0.08
CA LEU A 157 32.04 -0.35 1.13
C LEU A 157 32.56 0.18 2.46
N ASP A 158 32.15 -0.47 3.55
CA ASP A 158 32.61 -0.13 4.89
C ASP A 158 32.87 -1.41 5.68
N PHE A 159 34.06 -1.97 5.50
CA PHE A 159 34.43 -3.24 6.12
C PHE A 159 34.52 -3.15 7.64
N GLU A 160 34.61 -1.92 8.15
CA GLU A 160 34.66 -1.69 9.58
C GLU A 160 33.31 -1.98 10.23
N ASN A 161 32.24 -1.46 9.63
CA ASN A 161 30.90 -1.68 10.15
C ASN A 161 30.14 -2.72 9.35
N ARG A 162 30.76 -3.24 8.30
CA ARG A 162 30.17 -4.25 7.44
C ARG A 162 28.83 -3.79 6.85
N VAL A 163 28.85 -2.62 6.24
CA VAL A 163 27.65 -2.05 5.62
C VAL A 163 27.91 -1.66 4.17
N ILE A 164 26.89 -1.81 3.34
CA ILE A 164 26.99 -1.42 1.93
C ILE A 164 26.27 -0.10 1.70
N ILE A 165 26.93 0.83 1.03
CA ILE A 165 26.35 2.12 0.72
C ILE A 165 25.86 2.18 -0.72
N VAL A 166 24.54 2.10 -0.89
CA VAL A 166 23.94 2.12 -2.22
C VAL A 166 23.37 3.50 -2.53
N SER A 167 24.13 4.29 -3.29
CA SER A 167 23.77 5.67 -3.57
C SER A 167 23.68 5.98 -5.06
N HIS A 168 23.95 4.98 -5.89
CA HIS A 168 24.04 5.20 -7.34
C HIS A 168 24.00 3.90 -8.11
N GLN A 169 23.78 4.00 -9.42
CA GLN A 169 23.83 2.83 -10.30
C GLN A 169 24.57 3.17 -11.60
N LEU A 170 25.36 2.22 -12.09
CA LEU A 170 26.14 2.41 -13.30
C LEU A 170 25.41 1.86 -14.51
N LEU A 171 25.16 2.72 -15.50
CA LEU A 171 24.41 2.31 -16.67
C LEU A 171 25.25 2.45 -17.94
N ARG A 172 25.00 1.60 -18.93
CA ARG A 172 25.60 1.77 -20.24
C ARG A 172 24.56 1.57 -21.33
N ASN A 173 24.53 2.50 -22.27
CA ASN A 173 23.64 2.43 -23.41
C ASN A 173 24.40 2.68 -24.71
N THR A 174 23.87 2.18 -25.82
CA THR A 174 24.54 2.32 -27.11
C THR A 174 24.77 3.78 -27.49
N GLY A 175 26.04 4.12 -27.74
CA GLY A 175 26.39 5.47 -28.14
C GLY A 175 26.89 6.30 -26.99
N VAL A 176 26.06 6.43 -25.95
CA VAL A 176 26.38 7.24 -24.79
C VAL A 176 27.55 6.68 -24.00
N GLY A 177 27.69 5.36 -24.06
CA GLY A 177 28.70 4.67 -23.27
C GLY A 177 28.25 4.52 -21.83
N TYR A 178 29.18 4.66 -20.89
CA TYR A 178 28.85 4.53 -19.47
C TYR A 178 28.38 5.87 -18.88
N TYR A 179 27.46 5.80 -17.92
CA TYR A 179 26.99 6.99 -17.22
C TYR A 179 26.32 6.62 -15.89
N ILE A 180 26.64 7.38 -14.85
CA ILE A 180 26.09 7.16 -13.52
C ILE A 180 24.72 7.80 -13.38
N ASP A 181 23.76 7.06 -12.83
CA ASP A 181 22.41 7.60 -12.59
C ASP A 181 22.09 7.67 -11.10
N VAL A 189 19.30 5.33 -2.27
CA VAL A 189 19.90 6.02 -1.14
C VAL A 189 19.65 5.26 0.16
N ARG A 190 20.16 4.04 0.24
CA ARG A 190 19.94 3.17 1.39
C ARG A 190 21.24 2.51 1.85
N LYS A 191 21.23 1.94 3.06
CA LYS A 191 22.40 1.25 3.58
C LYS A 191 22.08 -0.21 3.93
N ILE A 192 22.91 -1.13 3.47
CA ILE A 192 22.63 -2.55 3.66
C ILE A 192 23.68 -3.24 4.53
N PRO A 193 23.22 -3.95 5.57
CA PRO A 193 24.08 -4.79 6.40
C PRO A 193 24.59 -5.98 5.61
N MET A 194 25.91 -6.23 5.67
CA MET A 194 26.51 -7.34 4.95
C MET A 194 26.78 -8.53 5.87
N ASN A 195 26.10 -9.63 5.62
CA ASN A 195 26.30 -10.86 6.39
C ASN A 195 27.69 -11.42 6.16
N GLU A 196 28.13 -12.30 7.06
CA GLU A 196 29.48 -12.84 7.02
C GLU A 196 29.76 -13.57 5.70
N GLU A 197 28.74 -14.22 5.14
CA GLU A 197 28.89 -14.93 3.88
C GLU A 197 29.08 -13.96 2.72
N VAL A 198 28.39 -12.82 2.79
CA VAL A 198 28.48 -11.80 1.75
C VAL A 198 29.78 -11.02 1.89
N TYR A 199 30.17 -10.75 3.12
CA TYR A 199 31.43 -10.07 3.43
C TYR A 199 32.64 -10.90 3.04
N GLN A 200 32.58 -12.19 3.33
CA GLN A 200 33.65 -13.12 3.02
C GLN A 200 33.79 -13.28 1.50
N ALA A 201 32.72 -12.91 0.79
CA ALA A 201 32.76 -12.85 -0.67
C ALA A 201 33.37 -11.54 -1.12
N PHE A 202 32.90 -10.45 -0.54
CA PHE A 202 33.37 -9.11 -0.85
C PHE A 202 34.88 -8.94 -0.66
N GLN A 203 35.41 -9.53 0.42
CA GLN A 203 36.84 -9.46 0.70
C GLN A 203 37.63 -10.25 -0.33
N ARG A 204 36.97 -11.20 -0.97
CA ARG A 204 37.62 -12.06 -1.96
C ARG A 204 37.63 -11.41 -3.35
N VAL A 205 36.60 -10.64 -3.64
CA VAL A 205 36.50 -9.96 -4.94
C VAL A 205 37.64 -8.96 -5.11
N ILE A 206 37.90 -8.19 -4.06
CA ILE A 206 38.95 -7.19 -4.08
C ILE A 206 40.33 -7.83 -4.17
N LYS A 207 40.55 -8.87 -3.38
CA LYS A 207 41.84 -9.55 -3.34
C LYS A 207 42.14 -10.29 -4.66
N ASN A 208 41.08 -10.56 -5.43
CA ASN A 208 41.24 -11.26 -6.70
C ASN A 208 40.90 -10.37 -7.90
N ARG A 209 41.02 -9.06 -7.71
CA ARG A 209 40.72 -8.10 -8.77
C ARG A 209 41.99 -7.55 -9.40
N LYS A 210 42.05 -7.58 -10.73
CA LYS A 210 43.22 -7.09 -11.45
C LYS A 210 42.88 -6.71 -12.89
N GLY A 211 43.86 -6.18 -13.61
CA GLY A 211 43.68 -5.80 -14.99
C GLY A 211 42.74 -4.64 -15.17
N ALA A 212 42.65 -3.79 -14.14
CA ALA A 212 41.76 -2.64 -14.16
C ALA A 212 42.21 -1.56 -15.15
N LYS A 213 41.33 -1.21 -16.08
CA LYS A 213 41.59 -0.19 -17.08
C LYS A 213 41.41 1.20 -16.46
N PRO A 214 41.85 2.26 -17.15
CA PRO A 214 41.58 3.57 -16.53
C PRO A 214 40.15 4.04 -16.74
N PHE A 215 39.40 4.13 -15.65
CA PHE A 215 37.97 4.42 -15.73
C PHE A 215 37.51 5.36 -14.62
N ILE A 216 37.21 6.60 -15.00
CA ILE A 216 36.67 7.59 -14.08
C ILE A 216 35.48 8.31 -14.71
N ILE A 217 34.27 7.90 -14.32
CA ILE A 217 33.05 8.45 -14.90
C ILE A 217 32.19 9.14 -13.84
N ASP A 218 31.84 10.40 -14.09
CA ASP A 218 31.01 11.18 -13.17
C ASP A 218 31.51 11.14 -11.73
N GLY A 219 32.82 11.25 -11.54
CA GLY A 219 33.37 11.30 -10.20
C GLY A 219 33.49 9.93 -9.56
N TYR A 220 33.16 8.89 -10.32
CA TYR A 220 33.23 7.52 -9.81
C TYR A 220 34.31 6.71 -10.52
N ALA A 221 35.05 5.93 -9.74
CA ALA A 221 36.13 5.13 -10.27
C ALA A 221 36.35 3.88 -9.41
N ASN A 222 37.21 2.98 -9.89
CA ASN A 222 37.51 1.73 -9.20
C ASN A 222 36.26 0.92 -8.88
N PHE A 223 35.59 0.43 -9.92
CA PHE A 223 34.42 -0.41 -9.73
C PHE A 223 34.84 -1.84 -9.39
N LEU A 224 34.11 -2.45 -8.46
CA LEU A 224 34.48 -3.75 -7.90
C LEU A 224 34.42 -4.89 -8.92
N PHE A 225 33.41 -4.87 -9.78
CA PHE A 225 33.20 -5.95 -10.73
C PHE A 225 33.56 -5.53 -12.15
N LEU A 226 34.59 -6.16 -12.71
CA LEU A 226 35.11 -5.78 -14.01
C LEU A 226 34.88 -6.86 -15.07
N LYS A 227 34.76 -6.43 -16.32
CA LYS A 227 34.56 -7.34 -17.45
C LYS A 227 35.88 -7.99 -17.86
N GLN A 228 35.89 -8.56 -19.06
CA GLN A 228 37.09 -9.19 -19.60
C GLN A 228 38.05 -8.14 -20.16
N ASN A 229 37.49 -7.04 -20.67
CA ASN A 229 38.28 -5.98 -21.28
C ASN A 229 38.73 -4.91 -20.29
N GLY A 230 38.62 -5.20 -19.00
CA GLY A 230 39.08 -4.29 -17.97
C GLY A 230 38.03 -3.27 -17.56
N TYR A 231 37.05 -3.04 -18.42
CA TYR A 231 35.98 -2.09 -18.15
C TYR A 231 34.91 -2.72 -17.26
N PRO A 232 34.12 -1.91 -16.53
CA PRO A 232 33.14 -2.45 -15.58
C PRO A 232 32.01 -3.24 -16.22
N MET A 233 31.44 -4.17 -15.46
CA MET A 233 30.28 -4.93 -15.92
C MET A 233 29.08 -4.01 -16.18
N THR A 234 28.25 -4.38 -17.15
CA THR A 234 27.03 -3.65 -17.42
C THR A 234 25.85 -4.57 -17.17
N ALA A 235 24.64 -4.01 -17.24
CA ALA A 235 23.43 -4.81 -17.02
C ALA A 235 23.28 -5.91 -18.07
N VAL A 236 23.64 -5.58 -19.31
CA VAL A 236 23.50 -6.53 -20.41
C VAL A 236 24.48 -7.70 -20.29
N ASP A 237 25.68 -7.41 -19.83
CA ASP A 237 26.73 -8.43 -19.71
C ASP A 237 26.38 -9.48 -18.67
N TYR A 238 25.61 -9.08 -17.65
CA TYR A 238 25.21 -10.01 -16.60
C TYR A 238 24.00 -10.85 -17.01
N GLY A 239 23.04 -10.22 -17.66
CA GLY A 239 21.87 -10.94 -18.16
C GLY A 239 22.24 -11.95 -19.22
N GLY A 240 23.13 -11.56 -20.12
CA GLY A 240 23.61 -12.44 -21.17
C GLY A 240 24.41 -13.59 -20.62
N MET A 241 25.11 -13.33 -19.52
CA MET A 241 25.91 -14.35 -18.85
C MET A 241 25.00 -15.39 -18.20
N PHE A 242 23.86 -14.93 -17.68
CA PHE A 242 22.91 -15.81 -17.03
C PHE A 242 22.17 -16.69 -18.04
N GLY A 243 22.00 -16.18 -19.26
CA GLY A 243 21.40 -16.96 -20.32
C GLY A 243 22.26 -18.16 -20.67
N ARG A 244 23.56 -18.02 -20.47
CA ARG A 244 24.51 -19.09 -20.75
C ARG A 244 24.69 -20.01 -19.55
N LEU A 245 24.72 -19.42 -18.36
CA LEU A 245 24.93 -20.17 -17.12
C LEU A 245 23.78 -21.12 -16.84
N VAL A 246 22.57 -20.62 -16.97
CA VAL A 246 21.37 -21.42 -16.70
C VAL A 246 21.25 -22.60 -17.67
N LYS A 247 21.63 -22.37 -18.91
CA LYS A 247 21.57 -23.41 -19.94
C LYS A 247 22.57 -24.52 -19.68
N LYS A 248 23.63 -24.21 -18.93
CA LYS A 248 24.64 -25.20 -18.59
C LYS A 248 24.24 -25.97 -17.33
N TYR A 249 23.51 -25.31 -16.44
CA TYR A 249 22.99 -25.97 -15.25
C TYR A 249 21.95 -27.00 -15.65
N ASN A 250 21.04 -26.61 -16.54
CA ASN A 250 19.93 -27.47 -16.96
C ASN A 250 20.38 -28.76 -17.63
N LYS A 251 21.60 -28.74 -18.15
CA LYS A 251 22.16 -29.94 -18.79
C LYS A 251 22.81 -30.86 -17.75
N SER A 252 23.29 -30.28 -16.66
CA SER A 252 23.97 -31.04 -15.61
C SER A 252 23.01 -31.51 -14.52
N HIS A 253 21.80 -30.98 -14.54
CA HIS A 253 20.79 -31.33 -13.55
C HIS A 253 19.47 -31.72 -14.20
N GLU A 254 18.78 -32.69 -13.63
CA GLU A 254 17.49 -33.13 -14.15
C GLU A 254 16.41 -32.06 -13.96
N GLU A 255 16.08 -31.78 -12.70
CA GLU A 255 15.12 -30.74 -12.38
C GLU A 255 15.72 -29.36 -12.67
N ALA A 256 15.31 -28.77 -13.79
CA ALA A 256 15.84 -27.48 -14.21
C ALA A 256 15.41 -26.34 -13.30
N LEU A 257 16.03 -25.19 -13.49
CA LEU A 257 15.67 -23.98 -12.78
C LEU A 257 14.51 -23.29 -13.48
N PRO A 258 13.83 -22.35 -12.79
CA PRO A 258 12.76 -21.59 -13.43
C PRO A 258 13.22 -20.92 -14.73
N LYS A 259 12.37 -20.95 -15.75
CA LYS A 259 12.66 -20.36 -17.04
C LYS A 259 13.02 -18.88 -16.89
N THR A 260 12.39 -18.20 -15.95
CA THR A 260 12.54 -16.75 -15.80
C THR A 260 13.68 -16.34 -14.86
N THR A 261 14.54 -17.30 -14.50
CA THR A 261 15.65 -17.00 -13.60
C THR A 261 16.65 -16.01 -14.22
N THR A 262 16.67 -14.80 -13.67
CA THR A 262 17.48 -13.69 -14.18
C THR A 262 18.19 -13.00 -13.00
N PRO A 263 18.99 -11.95 -13.25
CA PRO A 263 19.59 -11.25 -12.10
C PRO A 263 18.56 -10.74 -11.09
N HIS A 264 17.41 -10.30 -11.57
CA HIS A 264 16.36 -9.77 -10.69
C HIS A 264 15.67 -10.89 -9.92
N ALA A 265 15.81 -12.12 -10.41
CA ALA A 265 15.26 -13.28 -9.70
C ALA A 265 16.06 -13.55 -8.44
N MET A 266 17.33 -13.16 -8.46
CA MET A 266 18.18 -13.28 -7.28
C MET A 266 17.72 -12.29 -6.21
N ARG A 267 17.12 -11.19 -6.66
CA ARG A 267 16.54 -10.22 -5.75
C ARG A 267 15.16 -10.68 -5.29
N HIS A 268 14.38 -11.24 -6.23
CA HIS A 268 13.09 -11.83 -5.90
C HIS A 268 13.25 -12.92 -4.85
N THR A 269 14.29 -13.73 -5.02
CA THR A 269 14.58 -14.82 -4.10
C THR A 269 14.94 -14.30 -2.71
N PHE A 270 15.76 -13.27 -2.66
CA PHE A 270 16.18 -12.66 -1.40
C PHE A 270 15.01 -12.11 -0.61
N CYS A 271 14.22 -11.27 -1.24
CA CYS A 271 13.09 -10.62 -0.58
C CYS A 271 12.06 -11.64 -0.12
N THR A 272 11.80 -12.63 -0.97
CA THR A 272 10.84 -13.69 -0.66
C THR A 272 11.29 -14.51 0.53
N ARG A 273 12.53 -14.98 0.48
CA ARG A 273 13.09 -15.76 1.58
C ARG A 273 13.10 -14.97 2.88
N LEU A 274 13.29 -13.66 2.76
CA LEU A 274 13.25 -12.77 3.93
C LEU A 274 11.82 -12.61 4.42
N ALA A 275 10.89 -12.41 3.49
CA ALA A 275 9.49 -12.23 3.83
C ALA A 275 8.88 -13.50 4.41
N ASN A 276 9.23 -14.65 3.83
CA ASN A 276 8.75 -15.93 4.32
C ASN A 276 9.46 -16.34 5.60
N ALA A 277 10.56 -15.68 5.90
CA ALA A 277 11.22 -15.85 7.19
C ALA A 277 10.55 -14.94 8.21
N GLY A 278 9.69 -14.06 7.71
CA GLY A 278 8.98 -13.12 8.55
C GLY A 278 9.83 -11.96 8.98
N MET A 279 10.55 -11.38 8.02
CA MET A 279 11.37 -10.21 8.30
C MET A 279 10.48 -9.08 8.85
N ASN A 280 10.90 -8.52 9.97
CA ASN A 280 10.12 -7.55 10.75
C ASN A 280 9.82 -6.25 9.97
N PRO A 281 9.13 -5.25 10.58
CA PRO A 281 8.43 -4.34 9.68
C PRO A 281 9.29 -3.39 8.86
N LYS A 282 9.01 -3.36 7.56
CA LYS A 282 9.54 -2.32 6.66
C LYS A 282 11.07 -2.25 6.62
N ALA A 283 11.73 -3.20 7.31
CA ALA A 283 13.18 -3.31 7.24
C ALA A 283 13.55 -4.01 5.95
N LEU A 284 12.68 -4.92 5.51
CA LEU A 284 12.78 -5.48 4.17
C LEU A 284 12.51 -4.37 3.16
N GLN A 285 11.54 -3.53 3.46
CA GLN A 285 11.19 -2.39 2.61
C GLN A 285 12.37 -1.42 2.54
N TYR A 286 13.12 -1.33 3.63
CA TYR A 286 14.30 -0.48 3.69
C TYR A 286 15.48 -1.13 2.97
N ILE A 287 15.61 -2.45 3.11
CA ILE A 287 16.71 -3.18 2.49
C ILE A 287 16.49 -3.32 0.99
N MET A 288 15.23 -3.40 0.58
CA MET A 288 14.89 -3.49 -0.84
C MET A 288 14.94 -2.12 -1.51
N GLY A 289 14.35 -1.13 -0.85
CA GLY A 289 14.40 0.24 -1.35
C GLY A 289 13.20 0.63 -2.19
N HIS A 290 12.03 0.11 -1.83
CA HIS A 290 10.79 0.48 -2.50
C HIS A 290 10.30 1.83 -1.98
N SER A 291 9.69 2.62 -2.86
CA SER A 291 9.15 3.92 -2.46
C SER A 291 7.92 3.73 -1.57
N ASN A 292 6.97 2.94 -2.06
CA ASN A 292 5.78 2.63 -1.29
C ASN A 292 5.89 1.26 -0.62
N ILE A 293 5.31 1.14 0.58
CA ILE A 293 5.33 -0.10 1.33
C ILE A 293 4.57 -1.21 0.58
N THR A 294 3.62 -0.81 -0.25
CA THR A 294 2.78 -1.74 -1.00
C THR A 294 3.59 -2.65 -1.94
N MET A 295 4.73 -2.15 -2.42
CA MET A 295 5.57 -2.91 -3.34
C MET A 295 6.21 -4.12 -2.68
N THR A 296 6.50 -4.01 -1.39
CA THR A 296 7.17 -5.07 -0.64
C THR A 296 6.20 -6.17 -0.23
N LEU A 297 4.96 -5.78 0.09
CA LEU A 297 3.94 -6.73 0.53
C LEU A 297 3.56 -7.72 -0.55
N ASN A 298 3.90 -7.41 -1.79
CA ASN A 298 3.69 -8.33 -2.91
C ASN A 298 4.56 -9.57 -2.76
N TYR A 299 5.66 -9.44 -2.02
CA TYR A 299 6.57 -10.55 -1.78
C TYR A 299 6.12 -11.39 -0.58
N TYR A 300 4.97 -11.05 -0.03
CA TYR A 300 4.40 -11.80 1.09
C TYR A 300 3.25 -12.70 0.62
N ALA A 301 3.22 -13.92 1.15
CA ALA A 301 2.21 -14.90 0.77
C ALA A 301 0.82 -14.48 1.25
N HIS A 302 -0.19 -14.80 0.45
CA HIS A 302 -1.57 -14.51 0.80
C HIS A 302 -2.01 -15.32 2.01
N ALA A 303 -2.64 -14.66 2.97
CA ALA A 303 -3.04 -15.30 4.21
C ALA A 303 -4.53 -15.62 4.22
N THR A 304 -4.86 -16.85 4.62
CA THR A 304 -6.25 -17.26 4.75
C THR A 304 -6.65 -17.25 6.22
N PHE A 305 -7.80 -17.84 6.53
CA PHE A 305 -8.29 -17.88 7.90
C PHE A 305 -7.43 -18.78 8.78
N ASP A 306 -6.87 -19.85 8.19
CA ASP A 306 -6.03 -20.77 8.92
C ASP A 306 -4.68 -20.15 9.27
N SER A 307 -4.18 -19.30 8.38
CA SER A 307 -2.92 -18.61 8.60
C SER A 307 -3.04 -17.63 9.76
N ALA A 308 -4.22 -17.04 9.90
CA ALA A 308 -4.48 -16.09 10.98
C ALA A 308 -4.70 -16.80 12.30
N ARG A 309 -5.37 -17.95 12.25
CA ARG A 309 -5.70 -18.72 13.44
C ARG A 309 -4.45 -19.12 14.23
N ALA A 310 -3.46 -19.65 13.52
CA ALA A 310 -2.20 -20.05 14.15
C ALA A 310 -1.38 -18.84 14.56
N GLU A 311 -1.46 -17.78 13.76
CA GLU A 311 -0.71 -16.56 14.05
C GLU A 311 -1.31 -15.81 15.25
N MET A 312 -2.63 -15.90 15.40
CA MET A 312 -3.31 -15.21 16.50
C MET A 312 -3.09 -15.91 17.84
N GLU A 313 -2.42 -17.05 17.82
CA GLU A 313 -2.12 -17.77 19.05
C GLU A 313 -1.23 -16.93 19.97
N ARG A 314 -1.56 -16.90 21.25
CA ARG A 314 -0.80 -16.12 22.22
C ARG A 314 -0.90 -16.71 23.62
N MET D 2 -23.72 27.52 -12.35
CA MET D 2 -23.08 28.81 -12.58
C MET D 2 -22.69 29.47 -11.26
N THR D 3 -22.93 28.77 -10.16
CA THR D 3 -22.47 29.17 -8.83
C THR D 3 -21.87 27.96 -8.11
N VAL D 4 -21.11 28.21 -7.05
CA VAL D 4 -20.45 27.11 -6.32
C VAL D 4 -21.46 26.23 -5.59
N CYS D 5 -22.42 26.86 -4.91
CA CYS D 5 -23.43 26.12 -4.17
C CYS D 5 -24.29 25.25 -5.10
N GLN D 6 -24.60 25.79 -6.27
CA GLN D 6 -25.36 25.03 -7.25
C GLN D 6 -24.51 23.92 -7.86
N LEU D 7 -23.21 24.13 -7.91
CA LEU D 7 -22.29 23.14 -8.47
C LEU D 7 -22.20 21.90 -7.61
N TYR D 8 -22.05 22.09 -6.30
CA TYR D 8 -21.94 20.98 -5.38
C TYR D 8 -23.24 20.20 -5.28
N ALA D 9 -24.34 20.88 -5.58
CA ALA D 9 -25.65 20.24 -5.60
C ALA D 9 -25.75 19.27 -6.76
N LYS D 10 -25.15 19.65 -7.89
CA LYS D 10 -25.14 18.80 -9.08
C LYS D 10 -24.25 17.58 -8.87
N GLN D 11 -23.10 17.78 -8.22
CA GLN D 11 -22.20 16.69 -7.90
C GLN D 11 -22.85 15.71 -6.93
N ILE D 12 -23.75 16.22 -6.10
CA ILE D 12 -24.47 15.39 -5.15
C ILE D 12 -25.54 14.54 -5.85
N ARG D 13 -26.17 15.12 -6.87
CA ARG D 13 -27.22 14.43 -7.61
C ARG D 13 -26.64 13.40 -8.59
N HIS D 14 -25.37 13.58 -8.94
CA HIS D 14 -24.70 12.67 -9.86
C HIS D 14 -24.46 11.31 -9.20
N ARG D 15 -23.65 11.31 -8.16
CA ARG D 15 -23.38 10.09 -7.39
C ARG D 15 -24.33 10.00 -6.20
N GLY D 16 -25.55 9.53 -6.45
CA GLY D 16 -26.58 9.49 -5.41
C GLY D 16 -26.56 8.24 -4.56
N ASN D 17 -26.01 7.14 -5.10
CA ASN D 17 -25.97 5.88 -4.39
C ASN D 17 -25.01 5.91 -3.20
N VAL D 18 -25.43 6.56 -2.12
CA VAL D 18 -24.60 6.69 -0.93
C VAL D 18 -25.38 6.32 0.34
N LYS D 19 -24.64 5.94 1.38
CA LYS D 19 -25.25 5.58 2.66
C LYS D 19 -25.86 6.81 3.33
N HIS D 20 -26.55 6.60 4.45
CA HIS D 20 -27.25 7.68 5.12
C HIS D 20 -26.30 8.71 5.72
N ASN D 21 -25.22 8.24 6.32
CA ASN D 21 -24.27 9.14 6.97
C ASN D 21 -23.59 10.09 5.99
N THR D 22 -23.43 9.62 4.75
CA THR D 22 -22.85 10.45 3.70
C THR D 22 -23.74 11.65 3.42
N LYS D 23 -25.03 11.40 3.23
CA LYS D 23 -26.01 12.45 2.99
C LYS D 23 -25.98 13.53 4.07
N LEU D 24 -25.80 13.11 5.32
CA LEU D 24 -25.66 14.05 6.43
C LEU D 24 -24.39 14.87 6.27
N GLY D 25 -23.28 14.18 6.02
CA GLY D 25 -21.98 14.81 5.87
C GLY D 25 -21.92 15.79 4.71
N ARG D 26 -22.66 15.49 3.64
CA ARG D 26 -22.71 16.38 2.49
C ARG D 26 -23.50 17.64 2.81
N GLU D 27 -24.57 17.48 3.59
CA GLU D 27 -25.41 18.61 3.98
C GLU D 27 -24.64 19.58 4.86
N ARG D 28 -23.78 19.04 5.70
CA ARG D 28 -22.95 19.87 6.57
C ARG D 28 -22.02 20.77 5.75
N LEU D 29 -21.50 20.23 4.64
CA LEU D 29 -20.65 21.00 3.75
C LEU D 29 -21.47 22.00 2.94
N MET D 30 -22.65 21.57 2.51
CA MET D 30 -23.55 22.43 1.76
C MET D 30 -23.99 23.61 2.64
N ARG D 31 -24.06 23.37 3.94
CA ARG D 31 -24.36 24.42 4.91
C ARG D 31 -23.19 25.38 5.05
N ILE D 32 -21.98 24.85 4.92
CA ILE D 32 -20.77 25.67 5.00
C ILE D 32 -20.67 26.59 3.78
N LEU D 33 -20.92 26.03 2.60
CA LEU D 33 -20.86 26.80 1.36
C LEU D 33 -21.93 27.89 1.33
N GLU D 34 -23.10 27.57 1.88
CA GLU D 34 -24.20 28.53 1.93
C GLU D 34 -23.94 29.62 2.96
N GLN D 35 -23.07 29.33 3.92
CA GLN D 35 -22.74 30.27 4.98
C GLN D 35 -21.36 30.88 4.79
N ASP D 36 -20.91 30.96 3.53
CA ASP D 36 -19.62 31.55 3.22
C ASP D 36 -19.65 32.27 1.87
N ARG D 37 -18.80 33.28 1.72
CA ARG D 37 -18.76 34.08 0.51
C ARG D 37 -18.32 33.27 -0.71
N LEU D 38 -17.58 32.20 -0.47
CA LEU D 38 -17.09 31.34 -1.55
C LEU D 38 -18.13 30.33 -1.99
N GLY D 39 -19.39 30.64 -1.75
CA GLY D 39 -20.49 29.75 -2.13
C GLY D 39 -21.47 30.44 -3.07
N SER D 40 -21.27 31.73 -3.29
CA SER D 40 -22.18 32.51 -4.13
C SER D 40 -21.48 33.03 -5.39
N CYS D 41 -20.27 32.55 -5.63
CA CYS D 41 -19.46 33.02 -6.75
C CYS D 41 -19.60 32.13 -7.97
N PRO D 42 -19.45 32.69 -9.17
CA PRO D 42 -19.45 31.89 -10.40
C PRO D 42 -18.27 30.92 -10.45
N ILE D 43 -18.50 29.74 -11.00
CA ILE D 43 -17.45 28.72 -11.12
C ILE D 43 -16.36 29.19 -12.09
N ASP D 44 -16.73 30.10 -12.98
CA ASP D 44 -15.78 30.65 -13.94
C ASP D 44 -15.16 31.94 -13.39
N SER D 45 -15.37 32.18 -12.10
CA SER D 45 -14.84 33.36 -11.44
C SER D 45 -14.10 32.99 -10.16
N LEU D 48 -8.02 30.20 -7.99
CA LEU D 48 -7.02 29.39 -7.31
C LEU D 48 -6.51 30.07 -6.05
N SER D 49 -6.66 31.39 -5.99
CA SER D 49 -6.24 32.15 -4.83
C SER D 49 -7.34 32.22 -3.78
N ASP D 50 -8.59 32.22 -4.25
CA ASP D 50 -9.74 32.31 -3.35
C ASP D 50 -9.94 31.00 -2.58
N ALA D 51 -9.55 29.89 -3.19
CA ALA D 51 -9.69 28.58 -2.55
C ALA D 51 -8.76 28.47 -1.34
N LYS D 52 -7.59 29.08 -1.44
CA LYS D 52 -6.65 29.12 -0.34
C LYS D 52 -7.18 30.04 0.78
N GLU D 53 -7.88 31.09 0.37
CA GLU D 53 -8.49 32.01 1.31
C GLU D 53 -9.64 31.35 2.05
N TRP D 54 -10.40 30.53 1.33
CA TRP D 54 -11.48 29.75 1.92
C TRP D 54 -10.93 28.77 2.94
N ALA D 55 -9.77 28.20 2.65
CA ALA D 55 -9.11 27.28 3.55
C ALA D 55 -8.62 28.00 4.80
N LEU D 56 -8.28 29.28 4.66
CA LEU D 56 -7.82 30.08 5.78
C LEU D 56 -8.96 30.42 6.72
N ARG D 57 -10.17 30.57 6.17
CA ARG D 57 -11.34 30.92 6.96
C ARG D 57 -11.86 29.73 7.76
N MET D 58 -11.83 28.55 7.16
CA MET D 58 -12.26 27.33 7.84
C MET D 58 -11.38 27.03 9.03
N LYS D 59 -10.10 27.37 8.90
CA LYS D 59 -9.15 27.21 9.99
C LYS D 59 -9.49 28.17 11.13
N GLU D 60 -9.99 29.35 10.77
CA GLU D 60 -10.37 30.36 11.75
C GLU D 60 -11.70 30.04 12.41
N LYS D 61 -12.48 29.17 11.79
CA LYS D 61 -13.78 28.78 12.34
C LYS D 61 -13.62 27.88 13.54
N GLY D 62 -12.55 27.08 13.55
CA GLY D 62 -12.29 26.16 14.64
C GLY D 62 -12.27 24.71 14.21
N LEU D 63 -12.62 24.48 12.94
CA LEU D 63 -12.62 23.13 12.39
C LEU D 63 -11.19 22.60 12.30
N SER D 64 -11.03 21.32 12.58
CA SER D 64 -9.69 20.72 12.59
C SER D 64 -9.11 20.68 11.19
N TYR D 65 -7.86 20.29 11.09
CA TYR D 65 -7.15 20.25 9.83
C TYR D 65 -7.80 19.26 8.84
N LYS D 66 -8.09 18.06 9.32
CA LYS D 66 -8.68 17.01 8.48
C LYS D 66 -10.08 17.38 8.02
N THR D 67 -10.87 17.98 8.91
CA THR D 67 -12.20 18.45 8.56
C THR D 67 -12.13 19.46 7.42
N ILE D 68 -11.13 20.33 7.47
CA ILE D 68 -10.91 21.31 6.41
C ILE D 68 -10.30 20.63 5.18
N ASN D 69 -9.60 19.52 5.40
CA ASN D 69 -8.95 18.80 4.33
C ASN D 69 -9.92 17.95 3.51
N ASN D 70 -10.77 17.19 4.19
CA ASN D 70 -11.74 16.33 3.54
C ASN D 70 -12.73 17.12 2.71
N ASP D 71 -13.09 18.30 3.19
CA ASP D 71 -14.04 19.14 2.45
C ASP D 71 -13.44 19.62 1.13
N LYS D 72 -12.14 19.89 1.12
CA LYS D 72 -11.44 20.34 -0.08
C LYS D 72 -11.51 19.30 -1.19
N ARG D 73 -11.43 18.03 -0.80
CA ARG D 73 -11.45 16.92 -1.74
C ARG D 73 -12.81 16.84 -2.45
N SER D 74 -13.87 17.19 -1.72
CA SER D 74 -15.22 17.17 -2.27
C SER D 74 -15.40 18.28 -3.31
N LEU D 75 -14.89 19.46 -2.99
CA LEU D 75 -14.99 20.62 -3.87
C LEU D 75 -14.14 20.42 -5.12
N LYS D 76 -12.97 19.82 -4.96
CA LYS D 76 -12.07 19.57 -6.08
C LYS D 76 -12.68 18.59 -7.07
N ALA D 77 -13.44 17.62 -6.56
CA ALA D 77 -14.14 16.66 -7.40
C ALA D 77 -15.30 17.32 -8.13
N ALA D 78 -15.93 18.28 -7.46
CA ALA D 78 -17.04 19.02 -8.04
C ALA D 78 -16.56 19.87 -9.22
N PHE D 79 -15.34 20.38 -9.11
CA PHE D 79 -14.74 21.16 -10.20
C PHE D 79 -14.04 20.25 -11.20
N TYR D 80 -13.69 19.04 -10.76
CA TYR D 80 -13.12 18.06 -11.66
C TYR D 80 -14.16 17.64 -12.69
N THR D 81 -15.40 17.48 -12.24
CA THR D 81 -16.50 17.13 -13.12
C THR D 81 -16.91 18.33 -13.96
N ALA D 82 -16.84 19.52 -13.36
CA ALA D 82 -17.20 20.76 -14.04
C ALA D 82 -16.22 21.06 -15.18
N ILE D 83 -14.93 20.87 -14.92
CA ILE D 83 -13.91 21.07 -15.93
C ILE D 83 -14.00 19.98 -17.00
N GLN D 84 -14.47 18.80 -16.59
CA GLN D 84 -14.68 17.71 -17.53
C GLN D 84 -15.92 17.95 -18.37
N ASP D 85 -16.94 18.56 -17.77
CA ASP D 85 -18.16 18.93 -18.48
C ASP D 85 -18.10 20.38 -18.96
N ARG D 89 -11.56 25.66 -17.06
CA ARG D 89 -10.34 26.29 -16.59
C ARG D 89 -9.43 25.29 -15.89
N LYS D 90 -8.83 25.71 -14.78
CA LYS D 90 -8.01 24.82 -13.98
C LYS D 90 -8.68 24.59 -12.62
N ASN D 91 -8.59 23.38 -12.11
CA ASN D 91 -9.20 23.02 -10.82
C ASN D 91 -8.64 23.88 -9.69
N PRO D 92 -9.47 24.80 -9.17
CA PRO D 92 -9.04 25.79 -8.18
C PRO D 92 -8.62 25.18 -6.84
N PHE D 93 -9.02 23.93 -6.62
CA PHE D 93 -8.70 23.26 -5.36
C PHE D 93 -7.56 22.26 -5.53
N ASP D 94 -6.87 22.34 -6.67
CA ASP D 94 -5.75 21.46 -6.93
C ASP D 94 -4.47 21.98 -6.30
N PHE D 95 -4.27 21.67 -5.03
CA PHE D 95 -3.07 22.06 -4.31
C PHE D 95 -2.89 21.18 -3.07
N GLN D 96 -1.83 21.45 -2.30
CA GLN D 96 -1.61 20.74 -1.05
C GLN D 96 -1.99 21.63 0.12
N LEU D 97 -2.87 21.12 0.98
CA LEU D 97 -3.34 21.89 2.13
C LEU D 97 -2.21 22.07 3.15
N SER D 98 -1.20 21.22 3.04
CA SER D 98 -0.05 21.28 3.95
C SER D 98 0.66 22.63 3.90
N ASP D 99 0.49 23.34 2.79
CA ASP D 99 1.14 24.64 2.59
C ASP D 99 0.39 25.77 3.27
N VAL D 100 -0.92 25.85 3.05
CA VAL D 100 -1.74 26.94 3.60
C VAL D 100 -1.87 26.83 5.12
N LEU D 101 -2.34 25.69 5.59
CA LEU D 101 -2.49 25.45 7.02
C LEU D 101 -1.61 24.30 7.48
N ASP D 102 -1.47 24.14 8.79
CA ASP D 102 -0.65 23.06 9.34
C ASP D 102 -1.51 22.01 10.03
N ASP D 103 -1.02 20.78 10.03
CA ASP D 103 -1.72 19.67 10.67
C ASP D 103 -1.54 19.70 12.19
N ASP D 104 -2.53 20.24 12.89
CA ASP D 104 -2.51 20.26 14.35
C ASP D 104 -3.30 19.07 14.90
N THR D 105 -3.34 18.00 14.13
CA THR D 105 -4.09 16.79 14.51
C THR D 105 -3.53 16.14 15.77
N GLU D 106 -4.41 15.69 16.64
CA GLU D 106 -4.01 15.06 17.90
C GLU D 106 -3.56 13.62 17.69
N PRO D 107 -2.41 13.25 18.26
CA PRO D 107 -1.87 11.89 18.15
C PRO D 107 -2.66 10.87 18.97
N LYS D 108 -3.13 9.82 18.32
CA LYS D 108 -3.93 8.80 18.98
C LYS D 108 -3.04 7.80 19.73
N VAL D 109 -2.59 8.19 20.91
CA VAL D 109 -1.72 7.35 21.72
C VAL D 109 -2.49 6.16 22.28
N PRO D 110 -2.04 4.94 21.97
CA PRO D 110 -2.66 3.71 22.48
C PRO D 110 -2.45 3.55 23.99
N LEU D 111 -3.05 2.51 24.55
CA LEU D 111 -2.89 2.25 25.98
C LEU D 111 -1.73 1.30 26.23
N THR D 112 -0.86 1.67 27.17
CA THR D 112 0.21 0.79 27.59
C THR D 112 -0.40 -0.38 28.37
N PRO D 113 0.19 -1.57 28.25
CA PRO D 113 -0.31 -2.78 28.93
C PRO D 113 -0.57 -2.59 30.43
N ALA D 114 0.13 -1.64 31.04
CA ALA D 114 -0.07 -1.33 32.45
C ALA D 114 -1.37 -0.55 32.65
N GLN D 115 -1.67 0.35 31.73
CA GLN D 115 -2.90 1.13 31.77
C GLN D 115 -4.12 0.24 31.60
N GLU D 116 -4.06 -0.68 30.65
CA GLU D 116 -5.18 -1.58 30.36
C GLU D 116 -5.49 -2.47 31.56
N GLU D 117 -4.45 -3.00 32.19
CA GLU D 117 -4.61 -3.87 33.36
C GLU D 117 -5.16 -3.09 34.55
N SER D 118 -4.95 -1.78 34.53
CA SER D 118 -5.49 -0.90 35.56
C SER D 118 -6.85 -0.34 35.13
N PHE D 119 -7.04 -0.19 33.82
CA PHE D 119 -8.31 0.30 33.28
C PHE D 119 -9.42 -0.74 33.51
N LEU D 120 -9.14 -1.99 33.18
CA LEU D 120 -10.13 -3.05 33.32
C LEU D 120 -10.49 -3.31 34.77
N SER D 121 -9.48 -3.27 35.64
CA SER D 121 -9.70 -3.46 37.07
C SER D 121 -10.63 -2.40 37.64
N PHE D 122 -10.52 -1.18 37.13
CA PHE D 122 -11.37 -0.08 37.56
C PHE D 122 -12.82 -0.31 37.16
N ILE D 123 -13.01 -0.72 35.91
CA ILE D 123 -14.33 -1.03 35.39
C ILE D 123 -15.02 -2.13 36.21
N GLN D 124 -14.28 -3.22 36.42
CA GLN D 124 -14.79 -4.37 37.13
C GLN D 124 -15.19 -3.99 38.56
N GLY D 125 -14.42 -3.10 39.18
CA GLY D 125 -14.68 -2.72 40.55
C GLY D 125 -15.59 -1.51 40.69
N ASP D 126 -16.04 -0.97 39.57
CA ASP D 126 -16.94 0.17 39.58
C ASP D 126 -18.39 -0.27 39.44
N LYS D 127 -19.19 0.01 40.46
CA LYS D 127 -20.57 -0.49 40.53
C LYS D 127 -21.49 0.09 39.46
N VAL D 128 -21.01 1.12 38.76
CA VAL D 128 -21.81 1.78 37.73
C VAL D 128 -21.49 1.25 36.34
N TYR D 129 -20.20 1.00 36.08
CA TYR D 129 -19.77 0.63 34.74
C TYR D 129 -19.30 -0.83 34.64
N GLN D 130 -19.51 -1.60 35.69
CA GLN D 130 -19.11 -3.01 35.67
C GLN D 130 -19.96 -3.83 34.70
N LYS D 131 -21.08 -3.25 34.29
CA LYS D 131 -21.98 -3.93 33.37
C LYS D 131 -21.43 -3.89 31.94
N HIS D 132 -20.51 -2.97 31.69
CA HIS D 132 -19.88 -2.83 30.38
C HIS D 132 -18.53 -3.53 30.32
N TYR D 133 -18.15 -4.19 31.42
CA TYR D 133 -16.84 -4.84 31.50
C TYR D 133 -16.67 -5.90 30.43
N ASP D 134 -17.68 -6.74 30.27
CA ASP D 134 -17.62 -7.80 29.27
C ASP D 134 -17.55 -7.23 27.86
N ALA D 135 -18.09 -6.03 27.68
CA ALA D 135 -18.06 -5.37 26.37
C ALA D 135 -16.67 -4.84 26.04
N ILE D 136 -15.97 -4.35 27.06
CA ILE D 136 -14.63 -3.79 26.86
C ILE D 136 -13.58 -4.86 26.64
N VAL D 137 -13.68 -5.96 27.39
CA VAL D 137 -12.72 -7.06 27.30
C VAL D 137 -12.65 -7.64 25.89
N ILE D 138 -13.83 -7.86 25.30
CA ILE D 138 -13.93 -8.42 23.97
C ILE D 138 -13.24 -7.51 22.95
N LEU D 139 -13.39 -6.20 23.13
CA LEU D 139 -12.76 -5.22 22.24
C LEU D 139 -11.24 -5.30 22.33
N LEU D 140 -10.71 -5.59 23.53
CA LEU D 140 -9.27 -5.72 23.71
C LEU D 140 -8.80 -7.14 23.43
N GLY D 141 -9.66 -7.94 22.80
CA GLY D 141 -9.31 -9.29 22.44
C GLY D 141 -9.71 -9.63 21.02
N THR D 142 -10.53 -8.78 20.42
CA THR D 142 -10.99 -8.99 19.05
C THR D 142 -10.66 -7.79 18.18
N GLY D 143 -10.58 -6.61 18.79
CA GLY D 143 -10.31 -5.39 18.04
C GLY D 143 -11.46 -5.07 17.10
N LEU D 144 -12.66 -5.45 17.52
CA LEU D 144 -13.85 -5.17 16.74
C LEU D 144 -14.16 -3.68 16.66
N ARG D 145 -14.66 -3.23 15.50
CA ARG D 145 -15.19 -1.89 15.41
C ARG D 145 -16.41 -1.80 16.31
N ILE D 146 -16.69 -0.61 16.83
CA ILE D 146 -17.74 -0.45 17.83
C ILE D 146 -19.13 -0.82 17.30
N SER D 147 -19.39 -0.54 16.02
CA SER D 147 -20.69 -0.86 15.43
C SER D 147 -20.76 -2.33 15.07
N GLU D 148 -19.61 -2.93 14.76
CA GLU D 148 -19.53 -4.36 14.50
C GLU D 148 -19.86 -5.13 15.76
N LEU D 149 -19.50 -4.55 16.91
CA LEU D 149 -19.78 -5.16 18.20
C LEU D 149 -21.28 -5.14 18.51
N CYS D 150 -21.91 -4.01 18.21
CA CYS D 150 -23.33 -3.84 18.49
C CYS D 150 -24.19 -4.67 17.54
N GLY D 151 -23.62 -5.03 16.40
CA GLY D 151 -24.36 -5.79 15.40
C GLY D 151 -24.40 -7.28 15.66
N LEU D 152 -23.60 -7.75 16.61
CA LEU D 152 -23.49 -9.19 16.87
C LEU D 152 -24.78 -9.80 17.41
N THR D 153 -25.17 -10.92 16.82
CA THR D 153 -26.33 -11.68 17.28
C THR D 153 -25.93 -13.10 17.63
N ASP D 154 -26.89 -13.89 18.09
CA ASP D 154 -26.64 -15.28 18.47
C ASP D 154 -26.26 -16.12 17.26
N LYS D 155 -26.60 -15.65 16.08
CA LYS D 155 -26.27 -16.36 14.84
C LYS D 155 -24.82 -16.14 14.44
N ASP D 156 -24.26 -14.99 14.82
CA ASP D 156 -22.90 -14.63 14.42
C ASP D 156 -21.84 -15.13 15.41
N LEU D 157 -22.26 -16.02 16.31
CA LEU D 157 -21.33 -16.57 17.30
C LEU D 157 -21.21 -18.09 17.18
N ASP D 158 -19.99 -18.60 17.26
CA ASP D 158 -19.74 -20.03 17.24
C ASP D 158 -18.99 -20.43 18.51
N PHE D 159 -19.74 -20.66 19.58
CA PHE D 159 -19.16 -21.01 20.88
C PHE D 159 -18.32 -22.27 20.80
N GLU D 160 -18.77 -23.24 20.00
CA GLU D 160 -18.11 -24.53 19.89
C GLU D 160 -16.74 -24.41 19.22
N ASN D 161 -16.66 -23.60 18.17
CA ASN D 161 -15.43 -23.43 17.41
C ASN D 161 -14.69 -22.13 17.71
N ARG D 162 -15.18 -21.39 18.70
CA ARG D 162 -14.54 -20.14 19.16
C ARG D 162 -14.33 -19.13 18.04
N VAL D 163 -15.38 -18.82 17.29
CA VAL D 163 -15.26 -17.94 16.13
C VAL D 163 -16.37 -16.90 16.07
N ILE D 164 -15.97 -15.63 15.89
CA ILE D 164 -16.93 -14.55 15.70
C ILE D 164 -17.11 -14.23 14.23
N ILE D 165 -18.33 -14.38 13.72
CA ILE D 165 -18.60 -14.10 12.31
C ILE D 165 -19.06 -12.66 12.14
N VAL D 166 -18.14 -11.80 11.70
CA VAL D 166 -18.44 -10.39 11.51
C VAL D 166 -18.93 -10.15 10.08
N SER D 167 -20.24 -10.19 9.90
CA SER D 167 -20.82 -10.08 8.56
C SER D 167 -21.70 -8.85 8.39
N HIS D 168 -21.80 -8.02 9.42
CA HIS D 168 -22.66 -6.84 9.36
C HIS D 168 -22.35 -5.84 10.47
N GLN D 169 -23.01 -4.70 10.41
CA GLN D 169 -22.85 -3.67 11.44
C GLN D 169 -24.19 -2.98 11.70
N LEU D 170 -24.46 -2.71 12.96
CA LEU D 170 -25.71 -2.06 13.35
C LEU D 170 -25.47 -0.63 13.82
N LEU D 171 -26.08 0.32 13.13
CA LEU D 171 -25.99 1.73 13.48
C LEU D 171 -27.39 2.33 13.60
N ARG D 172 -27.49 3.48 14.26
CA ARG D 172 -28.76 4.18 14.35
C ARG D 172 -28.56 5.67 14.13
N ASN D 173 -29.42 6.25 13.29
CA ASN D 173 -29.39 7.67 13.03
C ASN D 173 -30.67 8.36 13.44
N THR D 174 -30.60 9.67 13.67
CA THR D 174 -31.79 10.45 14.01
C THR D 174 -32.74 10.51 12.83
N GLY D 175 -33.98 10.10 13.06
CA GLY D 175 -34.99 10.09 12.02
C GLY D 175 -35.20 8.71 11.45
N VAL D 176 -34.24 8.26 10.66
CA VAL D 176 -34.27 6.93 10.07
C VAL D 176 -34.39 5.87 11.16
N GLY D 177 -33.63 6.06 12.23
CA GLY D 177 -33.62 5.10 13.32
C GLY D 177 -32.64 3.98 13.04
N TYR D 178 -32.87 2.81 13.65
CA TYR D 178 -32.00 1.66 13.44
C TYR D 178 -32.01 1.20 11.98
N TYR D 179 -30.83 0.83 11.48
CA TYR D 179 -30.71 0.20 10.17
C TYR D 179 -29.44 -0.65 10.08
N ILE D 180 -29.49 -1.70 9.28
CA ILE D 180 -28.38 -2.65 9.16
C ILE D 180 -27.55 -2.38 7.92
N ASP D 181 -26.23 -2.33 8.09
CA ASP D 181 -25.32 -2.11 6.98
C ASP D 181 -24.49 -3.35 6.72
N GLU D 182 -24.46 -3.78 5.46
CA GLU D 182 -23.76 -4.99 5.07
C GLU D 182 -22.79 -4.73 3.93
N PRO D 183 -21.76 -5.57 3.80
CA PRO D 183 -20.82 -5.42 2.68
C PRO D 183 -21.39 -5.94 1.37
N LYS D 184 -21.03 -5.31 0.26
CA LYS D 184 -21.56 -5.69 -1.05
C LYS D 184 -21.02 -7.04 -1.47
N THR D 185 -19.71 -7.22 -1.34
CA THR D 185 -19.06 -8.48 -1.67
C THR D 185 -18.61 -9.20 -0.40
N GLN D 186 -18.13 -10.43 -0.56
CA GLN D 186 -17.70 -11.24 0.58
C GLN D 186 -16.31 -10.87 1.07
N SER D 187 -15.86 -9.66 0.74
CA SER D 187 -14.58 -9.14 1.22
C SER D 187 -14.73 -8.62 2.65
N GLY D 188 -15.90 -8.08 2.95
CA GLY D 188 -16.16 -7.50 4.25
C GLY D 188 -16.23 -8.53 5.36
N VAL D 189 -16.76 -9.71 5.04
CA VAL D 189 -16.92 -10.78 6.02
C VAL D 189 -15.58 -11.32 6.50
N ARG D 190 -15.43 -11.46 7.81
CA ARG D 190 -14.24 -12.05 8.38
C ARG D 190 -14.58 -12.82 9.63
N LYS D 191 -13.73 -13.78 10.00
CA LYS D 191 -13.97 -14.58 11.18
C LYS D 191 -12.88 -14.36 12.23
N ILE D 192 -13.27 -13.90 13.41
CA ILE D 192 -12.33 -13.59 14.48
C ILE D 192 -12.39 -14.62 15.60
N PRO D 193 -11.25 -15.25 15.92
CA PRO D 193 -11.16 -16.29 16.95
C PRO D 193 -11.27 -15.71 18.37
N MET D 194 -11.98 -16.42 19.23
CA MET D 194 -12.14 -16.00 20.62
C MET D 194 -11.05 -16.61 21.50
N ASN D 195 -10.39 -15.76 22.29
CA ASN D 195 -9.49 -16.26 23.31
C ASN D 195 -10.28 -16.61 24.56
N GLU D 196 -9.61 -17.10 25.60
CA GLU D 196 -10.29 -17.47 26.83
C GLU D 196 -11.01 -16.30 27.48
N GLU D 197 -10.40 -15.11 27.39
CA GLU D 197 -10.99 -13.91 27.97
C GLU D 197 -12.21 -13.47 27.16
N VAL D 198 -12.10 -13.49 25.84
CA VAL D 198 -13.19 -13.07 24.98
C VAL D 198 -14.36 -14.05 25.05
N TYR D 199 -14.04 -15.34 24.91
CA TYR D 199 -15.04 -16.40 24.98
C TYR D 199 -15.85 -16.35 26.27
N GLN D 200 -15.15 -16.35 27.40
CA GLN D 200 -15.81 -16.36 28.70
C GLN D 200 -16.49 -15.02 28.99
N ALA D 201 -16.16 -14.00 28.21
CA ALA D 201 -16.85 -12.72 28.31
C ALA D 201 -18.20 -12.78 27.62
N PHE D 202 -18.24 -13.40 26.45
CA PHE D 202 -19.48 -13.59 25.72
C PHE D 202 -20.46 -14.47 26.50
N GLN D 203 -19.92 -15.47 27.19
CA GLN D 203 -20.74 -16.39 27.96
C GLN D 203 -21.45 -15.67 29.10
N ARG D 204 -20.81 -14.64 29.64
CA ARG D 204 -21.39 -13.85 30.71
C ARG D 204 -22.41 -12.85 30.18
N VAL D 205 -22.20 -12.38 28.95
CA VAL D 205 -23.14 -11.47 28.32
C VAL D 205 -24.44 -12.20 28.03
N ILE D 206 -24.34 -13.40 27.48
CA ILE D 206 -25.51 -14.21 27.16
C ILE D 206 -26.27 -14.60 28.43
N LYS D 207 -25.54 -14.94 29.47
CA LYS D 207 -26.14 -15.40 30.72
C LYS D 207 -26.73 -14.24 31.52
N ASN D 208 -26.34 -13.02 31.19
CA ASN D 208 -26.81 -11.85 31.94
C ASN D 208 -27.59 -10.86 31.08
N ARG D 209 -28.18 -11.35 30.00
CA ARG D 209 -29.03 -10.51 29.14
C ARG D 209 -30.49 -10.60 29.57
N LYS D 210 -31.10 -9.45 29.83
CA LYS D 210 -32.49 -9.42 30.29
C LYS D 210 -33.21 -8.14 29.85
N GLY D 211 -34.52 -8.26 29.65
CA GLY D 211 -35.35 -7.11 29.31
C GLY D 211 -35.24 -6.67 27.85
N ALA D 212 -35.02 -7.63 26.96
CA ALA D 212 -34.92 -7.32 25.54
C ALA D 212 -36.29 -7.13 24.91
N LYS D 213 -36.63 -5.88 24.56
CA LYS D 213 -37.89 -5.57 23.91
C LYS D 213 -37.92 -6.13 22.49
N PRO D 214 -39.13 -6.42 21.96
CA PRO D 214 -39.28 -6.97 20.61
C PRO D 214 -38.60 -6.11 19.55
N PHE D 215 -37.64 -6.70 18.84
CA PHE D 215 -36.87 -5.94 17.86
C PHE D 215 -36.32 -6.86 16.76
N ILE D 216 -36.70 -6.55 15.52
CA ILE D 216 -36.20 -7.26 14.34
C ILE D 216 -35.91 -6.25 13.23
N ILE D 217 -34.72 -6.34 12.63
CA ILE D 217 -34.34 -5.46 11.54
C ILE D 217 -33.55 -6.22 10.46
N ASP D 218 -34.15 -6.34 9.28
CA ASP D 218 -33.55 -7.05 8.15
C ASP D 218 -33.11 -8.46 8.51
N GLY D 219 -33.92 -9.17 9.29
CA GLY D 219 -33.66 -10.56 9.58
C GLY D 219 -32.66 -10.78 10.71
N TYR D 220 -32.35 -9.71 11.43
CA TYR D 220 -31.43 -9.81 12.56
C TYR D 220 -32.13 -9.57 13.89
N ALA D 221 -31.88 -10.44 14.85
CA ALA D 221 -32.48 -10.31 16.17
C ALA D 221 -31.60 -10.97 17.24
N ASN D 222 -32.05 -10.88 18.49
CA ASN D 222 -31.32 -11.43 19.64
C ASN D 222 -29.92 -10.82 19.75
N PHE D 223 -29.86 -9.50 19.70
CA PHE D 223 -28.59 -8.79 19.80
C PHE D 223 -28.02 -8.94 21.20
N LEU D 224 -26.70 -8.97 21.29
CA LEU D 224 -26.02 -9.27 22.55
C LEU D 224 -25.98 -8.09 23.51
N PHE D 225 -25.61 -6.91 23.01
CA PHE D 225 -25.47 -5.72 23.86
C PHE D 225 -26.66 -4.79 23.70
N LEU D 226 -27.43 -4.62 24.76
CA LEU D 226 -28.62 -3.79 24.72
C LEU D 226 -28.58 -2.67 25.75
N LYS D 227 -29.29 -1.57 25.46
CA LYS D 227 -29.36 -0.46 26.39
C LYS D 227 -30.27 -0.79 27.56
N GLN D 228 -30.39 0.13 28.51
CA GLN D 228 -31.30 -0.04 29.63
C GLN D 228 -32.73 0.22 29.21
N ASN D 229 -32.89 0.84 28.04
CA ASN D 229 -34.21 1.17 27.53
C ASN D 229 -34.85 0.00 26.79
N GLY D 230 -34.09 -1.09 26.64
CA GLY D 230 -34.60 -2.30 26.04
C GLY D 230 -34.13 -2.57 24.62
N TYR D 231 -33.60 -1.53 23.97
CA TYR D 231 -33.14 -1.65 22.59
C TYR D 231 -31.61 -1.66 22.54
N PRO D 232 -31.04 -2.32 21.51
CA PRO D 232 -29.58 -2.50 21.40
C PRO D 232 -28.78 -1.19 21.48
N MET D 233 -27.54 -1.29 21.97
CA MET D 233 -26.65 -0.14 22.05
C MET D 233 -26.21 0.30 20.66
N THR D 234 -25.90 1.59 20.53
CA THR D 234 -25.42 2.12 19.25
C THR D 234 -24.04 2.74 19.44
N ALA D 235 -23.53 3.37 18.39
CA ALA D 235 -22.21 3.99 18.44
C ALA D 235 -22.17 5.11 19.48
N VAL D 236 -23.18 5.98 19.46
CA VAL D 236 -23.23 7.12 20.37
C VAL D 236 -23.37 6.67 21.82
N ASP D 237 -24.07 5.57 22.03
CA ASP D 237 -24.31 5.06 23.37
C ASP D 237 -23.02 4.57 24.04
N TYR D 238 -22.11 4.02 23.24
CA TYR D 238 -20.84 3.53 23.76
C TYR D 238 -19.79 4.64 23.85
N GLY D 239 -19.77 5.54 22.88
CA GLY D 239 -18.86 6.65 22.89
C GLY D 239 -19.12 7.59 24.06
N GLY D 240 -20.40 7.84 24.33
CA GLY D 240 -20.81 8.70 25.42
C GLY D 240 -20.57 8.07 26.77
N MET D 241 -20.56 6.74 26.80
CA MET D 241 -20.27 5.99 28.01
C MET D 241 -18.78 6.07 28.33
N PHE D 242 -17.97 5.99 27.28
CA PHE D 242 -16.52 6.11 27.44
C PHE D 242 -16.14 7.48 27.97
N GLY D 243 -16.78 8.51 27.43
CA GLY D 243 -16.53 9.89 27.85
C GLY D 243 -16.78 10.10 29.34
N ARG D 244 -17.70 9.34 29.89
CA ARG D 244 -18.01 9.44 31.32
C ARG D 244 -17.09 8.54 32.14
N LEU D 245 -16.80 7.37 31.60
CA LEU D 245 -15.98 6.37 32.30
C LEU D 245 -14.54 6.82 32.50
N VAL D 246 -13.93 7.30 31.41
CA VAL D 246 -12.55 7.74 31.44
C VAL D 246 -12.39 8.95 32.38
N LYS D 247 -13.33 9.88 32.31
CA LYS D 247 -13.31 11.05 33.19
C LYS D 247 -13.45 10.64 34.66
N LYS D 248 -14.09 9.51 34.89
CA LYS D 248 -14.23 8.97 36.24
C LYS D 248 -12.96 8.21 36.64
N TYR D 249 -12.29 7.62 35.66
CA TYR D 249 -11.03 6.91 35.90
C TYR D 249 -9.92 7.90 36.23
N ASN D 250 -9.89 9.02 35.51
CA ASN D 250 -8.84 10.02 35.67
C ASN D 250 -8.89 10.71 37.03
N LYS D 251 -10.08 10.79 37.61
CA LYS D 251 -10.28 11.45 38.89
C LYS D 251 -9.79 10.58 40.06
N SER D 252 -9.57 9.29 39.79
CA SER D 252 -9.13 8.38 40.83
C SER D 252 -7.74 7.81 40.55
N HIS D 253 -7.22 8.09 39.35
CA HIS D 253 -5.90 7.62 38.96
C HIS D 253 -5.00 8.78 38.51
N GLU D 254 -3.76 8.78 38.96
CA GLU D 254 -2.83 9.85 38.63
C GLU D 254 -2.51 9.89 37.14
N GLU D 255 -2.04 8.77 36.60
CA GLU D 255 -1.73 8.67 35.18
C GLU D 255 -3.02 8.63 34.37
N ALA D 256 -3.52 9.81 34.03
CA ALA D 256 -4.75 9.93 33.25
C ALA D 256 -4.65 9.25 31.89
N LEU D 257 -5.72 8.62 31.45
CA LEU D 257 -5.77 7.94 30.17
C LEU D 257 -5.56 8.92 29.01
N PRO D 258 -4.99 8.43 27.90
CA PRO D 258 -4.75 9.25 26.70
C PRO D 258 -6.01 10.01 26.25
N LYS D 259 -5.81 11.17 25.62
CA LYS D 259 -6.93 12.02 25.22
C LYS D 259 -7.77 11.38 24.12
N THR D 260 -7.29 10.27 23.58
CA THR D 260 -7.99 9.57 22.50
C THR D 260 -8.55 8.23 22.98
N THR D 261 -8.63 8.05 24.30
CA THR D 261 -9.13 6.80 24.87
C THR D 261 -10.62 6.60 24.56
N THR D 262 -10.91 6.28 23.32
CA THR D 262 -12.27 6.11 22.83
C THR D 262 -12.51 4.65 22.45
N PRO D 263 -13.77 4.25 22.18
CA PRO D 263 -14.04 2.88 21.74
C PRO D 263 -13.17 2.40 20.58
N HIS D 264 -12.68 3.32 19.75
CA HIS D 264 -11.82 2.95 18.63
C HIS D 264 -10.37 2.76 19.10
N ALA D 265 -10.03 3.37 20.23
CA ALA D 265 -8.69 3.21 20.79
C ALA D 265 -8.50 1.78 21.31
N MET D 266 -9.60 1.13 21.64
CA MET D 266 -9.57 -0.26 22.05
C MET D 266 -9.17 -1.12 20.87
N ARG D 267 -9.54 -0.68 19.67
CA ARG D 267 -9.15 -1.32 18.43
C ARG D 267 -7.71 -0.96 18.09
N HIS D 268 -7.35 0.29 18.34
CA HIS D 268 -5.98 0.76 18.19
C HIS D 268 -5.03 -0.09 19.01
N THR D 269 -5.34 -0.21 20.29
CA THR D 269 -4.52 -0.95 21.24
C THR D 269 -4.38 -2.42 20.84
N PHE D 270 -5.49 -3.01 20.40
CA PHE D 270 -5.48 -4.40 19.95
C PHE D 270 -4.54 -4.61 18.77
N CYS D 271 -4.68 -3.77 17.74
CA CYS D 271 -3.89 -3.91 16.53
C CYS D 271 -2.42 -3.64 16.80
N THR D 272 -2.15 -2.59 17.56
CA THR D 272 -0.79 -2.19 17.90
C THR D 272 -0.04 -3.30 18.65
N ARG D 273 -0.73 -3.97 19.55
CA ARG D 273 -0.14 -5.06 20.33
C ARG D 273 0.39 -6.16 19.43
N LEU D 274 -0.47 -6.67 18.55
CA LEU D 274 -0.10 -7.78 17.69
C LEU D 274 1.03 -7.40 16.74
N ALA D 275 0.97 -6.18 16.20
CA ALA D 275 2.01 -5.68 15.31
C ALA D 275 3.35 -5.56 16.03
N ASN D 276 3.30 -5.20 17.31
CA ASN D 276 4.51 -5.10 18.11
C ASN D 276 5.06 -6.48 18.50
N ALA D 277 4.16 -7.43 18.72
CA ALA D 277 4.55 -8.77 19.15
C ALA D 277 5.04 -9.62 17.98
N GLY D 278 5.09 -9.03 16.80
CA GLY D 278 5.59 -9.70 15.62
C GLY D 278 4.57 -10.63 14.95
N MET D 279 3.30 -10.23 14.97
CA MET D 279 2.26 -11.02 14.30
C MET D 279 2.35 -10.79 12.79
N ASN D 280 2.07 -11.85 12.03
CA ASN D 280 2.08 -11.80 10.57
C ASN D 280 1.20 -10.67 10.05
N PRO D 281 1.82 -9.74 9.30
CA PRO D 281 1.21 -8.49 8.81
C PRO D 281 -0.04 -8.73 7.96
N LYS D 282 -0.06 -9.79 7.17
CA LYS D 282 -1.23 -10.10 6.37
C LYS D 282 -2.28 -10.83 7.19
N ALA D 283 -1.82 -11.57 8.20
CA ALA D 283 -2.73 -12.25 9.12
C ALA D 283 -3.45 -11.22 9.99
N LEU D 284 -2.75 -10.15 10.31
CA LEU D 284 -3.33 -9.04 11.07
C LEU D 284 -4.32 -8.27 10.20
N GLN D 285 -3.99 -8.11 8.93
CA GLN D 285 -4.84 -7.41 7.98
C GLN D 285 -6.22 -8.06 7.89
N TYR D 286 -6.24 -9.38 7.96
CA TYR D 286 -7.48 -10.13 7.86
C TYR D 286 -8.35 -9.90 9.09
N ILE D 287 -7.77 -10.08 10.28
CA ILE D 287 -8.49 -9.90 11.54
C ILE D 287 -8.99 -8.46 11.69
N MET D 288 -8.21 -7.51 11.18
CA MET D 288 -8.59 -6.11 11.26
C MET D 288 -9.71 -5.77 10.28
N GLY D 289 -9.71 -6.43 9.13
CA GLY D 289 -10.71 -6.18 8.11
C GLY D 289 -10.31 -5.06 7.17
N HIS D 290 -9.01 -4.86 7.05
CA HIS D 290 -8.47 -3.86 6.13
C HIS D 290 -8.47 -4.40 4.70
N SER D 291 -9.00 -3.63 3.76
CA SER D 291 -8.94 -3.99 2.35
C SER D 291 -7.57 -3.67 1.80
N ASN D 292 -7.06 -2.49 2.13
CA ASN D 292 -5.71 -2.08 1.75
C ASN D 292 -4.73 -2.33 2.88
N ILE D 293 -3.66 -3.06 2.57
CA ILE D 293 -2.65 -3.43 3.57
C ILE D 293 -1.97 -2.19 4.17
N THR D 294 -2.02 -1.08 3.44
CA THR D 294 -1.36 0.16 3.84
C THR D 294 -1.78 0.63 5.24
N MET D 295 -3.07 0.51 5.55
CA MET D 295 -3.57 0.92 6.85
C MET D 295 -3.02 0.06 7.97
N THR D 296 -2.87 -1.23 7.70
CA THR D 296 -2.35 -2.18 8.69
C THR D 296 -0.87 -1.94 8.95
N LEU D 297 -0.15 -1.57 7.90
CA LEU D 297 1.30 -1.37 7.98
C LEU D 297 1.67 -0.08 8.70
N ASN D 298 0.66 0.76 8.97
CA ASN D 298 0.90 1.98 9.71
C ASN D 298 1.09 1.71 11.19
N TYR D 299 0.60 0.56 11.64
CA TYR D 299 0.74 0.16 13.04
C TYR D 299 2.13 -0.41 13.32
N TYR D 300 2.89 -0.64 12.26
CA TYR D 300 4.24 -1.17 12.39
C TYR D 300 5.28 -0.04 12.42
N ALA D 301 6.22 -0.15 13.35
CA ALA D 301 7.22 0.89 13.58
C ALA D 301 8.16 1.04 12.39
N HIS D 302 8.54 2.27 12.09
CA HIS D 302 9.50 2.56 11.04
C HIS D 302 10.87 1.99 11.41
N ALA D 303 11.50 1.31 10.46
CA ALA D 303 12.74 0.60 10.73
C ALA D 303 13.98 1.47 10.55
N THR D 304 15.10 0.99 11.07
CA THR D 304 16.38 1.67 10.92
C THR D 304 17.41 0.69 10.39
N PHE D 305 18.64 1.17 10.17
CA PHE D 305 19.72 0.28 9.76
C PHE D 305 19.99 -0.73 10.86
N ASP D 306 20.05 -0.25 12.10
CA ASP D 306 20.28 -1.12 13.25
C ASP D 306 19.15 -2.15 13.36
N SER D 307 17.93 -1.71 13.09
CA SER D 307 16.77 -2.59 13.13
C SER D 307 16.84 -3.63 12.02
N ALA D 308 17.13 -3.16 10.80
CA ALA D 308 17.24 -4.04 9.64
C ALA D 308 18.41 -4.99 9.80
N ARG D 309 19.47 -4.52 10.43
CA ARG D 309 20.64 -5.36 10.69
C ARG D 309 20.30 -6.41 11.75
N ALA D 310 19.63 -5.99 12.81
CA ALA D 310 19.25 -6.88 13.89
C ALA D 310 18.38 -8.03 13.38
N GLU D 311 17.42 -7.70 12.52
CA GLU D 311 16.53 -8.70 11.95
C GLU D 311 17.29 -9.65 11.02
N MET D 312 18.23 -9.11 10.25
CA MET D 312 19.04 -9.93 9.37
C MET D 312 19.93 -10.87 10.18
N GLU D 313 20.41 -10.37 11.31
CA GLU D 313 21.24 -11.18 12.20
C GLU D 313 20.38 -12.14 13.03
N ARG D 314 19.10 -11.82 13.16
CA ARG D 314 18.16 -12.68 13.88
C ARG D 314 17.72 -13.82 12.98
N LEU D 315 17.74 -13.58 11.66
CA LEU D 315 17.29 -14.57 10.69
C LEU D 315 18.43 -15.06 9.82
N ALA D 316 19.67 -14.92 10.31
CA ALA D 316 20.83 -15.39 9.58
C ALA D 316 21.07 -16.87 9.81
#